data_4IDH
#
_entry.id   4IDH
#
_cell.length_a   57.790
_cell.length_b   63.440
_cell.length_c   150.730
_cell.angle_alpha   90.00
_cell.angle_beta   90.00
_cell.angle_gamma   90.00
#
_symmetry.space_group_name_H-M   'P 21 21 21'
#
loop_
_entity.id
_entity.type
_entity.pdbx_description
1 polymer 'Gene 2 protein'
2 water water
#
_entity_poly.entity_id   1
_entity_poly.type   'polypeptide(L)'
_entity_poly.pdbx_seq_one_letter_code
;MGSSHHHHHHSSGLVPAGSHMTSINPIFEPFIEAHRYKVAKGGRGSGKSWAIARLLVEAARRQPVRILCARELQNSISDS
VIRLLEDTIEREGYSAEFEIQRSMIRHLGTNAEFMFYGIKNNPTKIKSLEGIDICWVEEAEAVTKESWDILIPTIRKPFS
EIWVSFNPKNILDDTYQRFVVNPPDDICLLTVNYTDNPHFPEVLRLEMEECKRRNPTLYRHIWLGEPVSASDMAIIKREW
LEAATDAHKKLGWKAKGAVVSAHDPSDTGPDAKGYASRHGSVVKRIAEGLLMDINEGADWATSLAIEDGADHYLWDGDGV
GAGLRRQTTEAFSGKKITATMFKGSESPFDEDAPYQAGAWADEVVQGDNVRTIGDVFRNKRAQFYYALADRLYLTYRAVV
HGEYADPDDMLSFDKEAIGEKMLEKLFAELTQIQRKFNNNGKLELMTKVEMKQKLGIPSPNLADALMMCMHCPALVREET
EIYVPSSSGW
;
_entity_poly.pdbx_strand_id   A
#
# COMPACT_ATOMS: atom_id res chain seq x y z
N SER A 23 6.97 21.67 33.56
CA SER A 23 5.60 21.40 33.16
C SER A 23 5.56 20.36 32.05
N ILE A 24 4.48 19.57 32.03
CA ILE A 24 4.28 18.58 30.97
C ILE A 24 3.46 19.19 29.84
N ASN A 25 3.78 18.80 28.61
CA ASN A 25 2.99 19.14 27.43
C ASN A 25 1.49 19.04 27.73
N PRO A 26 0.78 20.17 27.66
CA PRO A 26 -0.63 20.28 28.11
C PRO A 26 -1.59 19.45 27.27
N ILE A 27 -1.28 19.26 25.99
CA ILE A 27 -2.11 18.46 25.10
C ILE A 27 -2.28 17.03 25.61
N PHE A 28 -1.29 16.56 26.37
CA PHE A 28 -1.31 15.18 26.83
C PHE A 28 -1.92 14.99 28.21
N GLU A 29 -2.40 16.08 28.81
CA GLU A 29 -3.12 16.02 30.08
C GLU A 29 -4.16 14.87 30.19
N PRO A 30 -4.95 14.63 29.12
CA PRO A 30 -5.92 13.53 29.22
C PRO A 30 -5.31 12.14 29.43
N PHE A 31 -4.01 11.97 29.19
CA PHE A 31 -3.39 10.66 29.38
C PHE A 31 -3.04 10.39 30.85
N ILE A 32 -3.27 11.38 31.70
CA ILE A 32 -3.05 11.23 33.13
C ILE A 32 -4.25 10.55 33.80
N GLU A 33 -5.44 10.78 33.23
CA GLU A 33 -6.67 10.13 33.69
C GLU A 33 -6.66 8.65 33.30
N ALA A 34 -7.44 7.81 33.99
CA ALA A 34 -7.54 6.40 33.63
C ALA A 34 -8.37 6.16 32.36
N HIS A 35 -7.79 5.43 31.41
CA HIS A 35 -8.48 4.97 30.21
C HIS A 35 -7.82 3.67 29.80
N ARG A 36 -8.62 2.71 29.34
CA ARG A 36 -8.09 1.43 28.89
C ARG A 36 -7.14 1.61 27.69
N TYR A 37 -7.51 2.50 26.77
CA TYR A 37 -6.67 2.77 25.59
C TYR A 37 -6.30 4.24 25.54
N LYS A 38 -5.00 4.51 25.38
CA LYS A 38 -4.54 5.88 25.18
C LYS A 38 -3.73 5.90 23.90
N VAL A 39 -4.25 6.57 22.88
CA VAL A 39 -3.66 6.50 21.54
C VAL A 39 -3.33 7.89 21.00
N ALA A 40 -2.07 8.08 20.63
CA ALA A 40 -1.64 9.34 20.04
C ALA A 40 -1.12 9.10 18.62
N LYS A 41 -1.71 9.78 17.65
CA LYS A 41 -1.29 9.62 16.26
C LYS A 41 -0.94 10.97 15.66
N GLY A 42 -0.06 10.95 14.66
CA GLY A 42 0.27 12.16 13.94
C GLY A 42 1.53 11.97 13.14
N GLY A 43 2.06 13.04 12.58
CA GLY A 43 3.28 12.94 11.79
C GLY A 43 4.55 13.11 12.58
N ARG A 44 5.63 13.34 11.86
CA ARG A 44 6.95 13.51 12.44
C ARG A 44 7.08 14.84 13.17
N GLY A 45 7.93 14.84 14.20
CA GLY A 45 8.24 16.04 14.97
C GLY A 45 7.18 16.54 15.94
N SER A 46 6.23 15.70 16.30
CA SER A 46 5.15 16.14 17.19
C SER A 46 5.59 16.13 18.64
N GLY A 47 6.63 15.34 18.93
CA GLY A 47 7.08 15.16 20.29
C GLY A 47 6.20 14.22 21.12
N LYS A 48 5.31 13.48 20.47
CA LYS A 48 4.39 12.60 21.22
C LYS A 48 5.12 11.51 21.98
N SER A 49 6.18 10.97 21.39
CA SER A 49 6.93 9.90 22.05
C SER A 49 7.67 10.42 23.28
N TRP A 50 8.18 11.65 23.20
CA TRP A 50 8.80 12.30 24.36
C TRP A 50 7.76 12.60 25.45
N ALA A 51 6.56 13.02 25.03
CA ALA A 51 5.49 13.28 25.99
C ALA A 51 5.09 12.00 26.72
N ILE A 52 4.94 10.92 25.96
CA ILE A 52 4.56 9.65 26.58
C ILE A 52 5.66 9.12 27.52
N ALA A 53 6.90 9.18 27.07
CA ALA A 53 8.04 8.78 27.90
C ALA A 53 8.05 9.53 29.23
N ARG A 54 7.79 10.83 29.17
CA ARG A 54 7.78 11.66 30.38
C ARG A 54 6.67 11.20 31.34
N LEU A 55 5.47 10.99 30.82
CA LEU A 55 4.37 10.55 31.68
C LEU A 55 4.65 9.19 32.31
N LEU A 56 5.24 8.29 31.54
CA LEU A 56 5.52 6.95 32.09
C LEU A 56 6.62 7.01 33.14
N VAL A 57 7.63 7.85 32.92
CA VAL A 57 8.64 8.05 33.93
C VAL A 57 8.01 8.63 35.22
N GLU A 58 7.13 9.62 35.09
CA GLU A 58 6.53 10.21 36.28
C GLU A 58 5.64 9.20 37.02
N ALA A 59 4.97 8.33 36.28
CA ALA A 59 4.16 7.27 36.90
C ALA A 59 5.05 6.29 37.64
N ALA A 60 6.15 5.92 37.02
CA ALA A 60 7.11 4.98 37.61
C ALA A 60 7.70 5.52 38.91
N ARG A 61 7.81 6.84 39.03
CA ARG A 61 8.37 7.43 40.24
C ARG A 61 7.39 7.36 41.40
N ARG A 62 6.12 7.10 41.09
CA ARG A 62 5.08 7.25 42.11
C ARG A 62 4.25 5.99 42.38
N GLN A 63 4.28 5.05 41.47
CA GLN A 63 3.47 3.82 41.58
C GLN A 63 4.35 2.64 41.24
N PRO A 64 4.13 1.50 41.91
CA PRO A 64 4.92 0.29 41.63
C PRO A 64 4.44 -0.39 40.34
N VAL A 65 4.44 0.32 39.23
CA VAL A 65 3.89 -0.20 37.98
C VAL A 65 4.88 -1.06 37.20
N ARG A 66 4.38 -2.14 36.59
CA ARG A 66 5.16 -2.89 35.62
C ARG A 66 4.75 -2.41 34.24
N ILE A 67 5.73 -1.94 33.47
CA ILE A 67 5.46 -1.35 32.17
C ILE A 67 6.11 -2.14 31.05
N LEU A 68 5.28 -2.69 30.16
CA LEU A 68 5.78 -3.39 28.99
C LEU A 68 5.90 -2.42 27.83
N CYS A 69 7.13 -2.24 27.36
CA CYS A 69 7.34 -1.45 26.15
C CYS A 69 7.48 -2.41 24.99
N ALA A 70 6.50 -2.37 24.09
CA ALA A 70 6.42 -3.36 23.01
C ALA A 70 6.50 -2.70 21.65
N ARG A 71 6.96 -3.45 20.66
CA ARG A 71 6.93 -3.00 19.28
C ARG A 71 6.82 -4.23 18.38
N GLU A 72 6.48 -4.02 17.12
CA GLU A 72 6.34 -5.13 16.18
C GLU A 72 7.61 -5.98 16.09
N LEU A 73 8.74 -5.33 15.83
CA LEU A 73 10.00 -6.03 15.63
C LEU A 73 11.11 -5.40 16.47
N GLN A 74 11.83 -6.21 17.24
CA GLN A 74 12.94 -5.70 18.04
C GLN A 74 14.19 -6.58 17.87
N ASN A 75 14.91 -6.37 16.79
CA ASN A 75 16.08 -7.20 16.51
C ASN A 75 17.22 -6.94 17.49
N SER A 76 17.21 -5.75 18.10
CA SER A 76 18.12 -5.48 19.19
C SER A 76 17.50 -4.46 20.13
N ILE A 77 18.02 -4.41 21.35
CA ILE A 77 17.48 -3.54 22.38
C ILE A 77 17.55 -2.08 21.96
N SER A 78 18.52 -1.75 21.09
CA SER A 78 18.66 -0.38 20.60
C SER A 78 17.46 0.07 19.76
N ASP A 79 16.64 -0.89 19.31
CA ASP A 79 15.43 -0.56 18.57
C ASP A 79 14.29 -0.12 19.49
N SER A 80 14.42 -0.40 20.78
CA SER A 80 13.37 -0.07 21.74
C SER A 80 13.42 1.39 22.20
N VAL A 81 12.43 1.79 23.00
CA VAL A 81 12.40 3.13 23.60
C VAL A 81 13.30 3.29 24.82
N ILE A 82 14.16 2.31 25.11
CA ILE A 82 14.94 2.39 26.36
C ILE A 82 15.82 3.64 26.42
N ARG A 83 16.51 3.95 25.32
CA ARG A 83 17.35 5.15 25.30
C ARG A 83 16.52 6.41 25.51
N LEU A 84 15.34 6.44 24.91
CA LEU A 84 14.42 7.56 25.08
C LEU A 84 14.03 7.74 26.55
N LEU A 85 13.71 6.64 27.21
CA LEU A 85 13.40 6.71 28.64
C LEU A 85 14.63 7.16 29.47
N GLU A 86 15.80 6.63 29.16
CA GLU A 86 17.01 7.05 29.86
C GLU A 86 17.26 8.55 29.69
N ASP A 87 17.10 9.03 28.45
CA ASP A 87 17.32 10.44 28.15
C ASP A 87 16.32 11.33 28.87
N THR A 88 15.09 10.83 28.99
CA THR A 88 14.05 11.52 29.72
C THR A 88 14.42 11.65 31.18
N ILE A 89 14.87 10.55 31.78
CA ILE A 89 15.25 10.50 33.19
C ILE A 89 16.42 11.47 33.44
N GLU A 90 17.40 11.45 32.55
CA GLU A 90 18.55 12.31 32.69
C GLU A 90 18.18 13.78 32.52
N ARG A 91 17.40 14.08 31.48
CA ARG A 91 16.94 15.44 31.23
C ARG A 91 16.23 16.06 32.43
N GLU A 92 15.35 15.31 33.07
CA GLU A 92 14.61 15.83 34.21
C GLU A 92 15.41 15.83 35.51
N GLY A 93 16.58 15.21 35.51
CA GLY A 93 17.43 15.19 36.69
C GLY A 93 17.08 14.06 37.67
N TYR A 94 16.46 13.00 37.16
CA TYR A 94 15.99 11.92 38.02
C TYR A 94 16.96 10.73 38.12
N SER A 95 18.13 10.85 37.54
CA SER A 95 19.05 9.70 37.42
C SER A 95 19.26 8.90 38.72
N ALA A 96 19.45 9.59 39.83
CA ALA A 96 19.78 8.93 41.10
C ALA A 96 18.64 8.08 41.65
N GLU A 97 17.45 8.19 41.06
CA GLU A 97 16.28 7.43 41.50
C GLU A 97 16.14 6.06 40.85
N PHE A 98 16.99 5.80 39.85
CA PHE A 98 16.77 4.66 38.97
C PHE A 98 17.94 3.70 38.90
N GLU A 99 17.63 2.46 38.55
CA GLU A 99 18.63 1.45 38.17
C GLU A 99 18.48 1.21 36.69
N ILE A 100 19.58 1.31 35.97
CA ILE A 100 19.54 1.12 34.52
C ILE A 100 20.39 -0.09 34.16
N GLN A 101 19.80 -1.00 33.40
CA GLN A 101 20.54 -2.15 32.89
C GLN A 101 20.35 -2.14 31.39
N ARG A 102 20.96 -3.09 30.69
CA ARG A 102 20.91 -3.11 29.24
C ARG A 102 19.47 -3.19 28.72
N SER A 103 18.61 -3.91 29.43
CA SER A 103 17.24 -4.15 28.97
C SER A 103 16.20 -3.93 30.06
N MET A 104 16.56 -3.16 31.08
CA MET A 104 15.64 -2.90 32.17
C MET A 104 15.87 -1.52 32.76
N ILE A 105 14.78 -0.85 33.14
CA ILE A 105 14.86 0.35 33.97
C ILE A 105 13.99 0.12 35.20
N ARG A 106 14.49 0.45 36.38
CA ARG A 106 13.74 0.22 37.62
C ARG A 106 13.85 1.40 38.56
N HIS A 107 12.72 1.82 39.15
CA HIS A 107 12.76 2.88 40.14
C HIS A 107 13.11 2.32 41.51
N LEU A 108 14.07 2.94 42.19
CA LEU A 108 14.61 2.42 43.45
C LEU A 108 13.66 2.65 44.62
N GLY A 109 12.66 3.50 44.44
CA GLY A 109 11.69 3.76 45.48
C GLY A 109 10.45 2.88 45.37
N THR A 110 9.85 2.85 44.19
CA THR A 110 8.58 2.14 44.01
C THR A 110 8.76 0.72 43.52
N ASN A 111 9.95 0.42 43.00
CA ASN A 111 10.24 -0.86 42.34
C ASN A 111 9.51 -1.01 41.01
N ALA A 112 8.98 0.10 40.50
CA ALA A 112 8.41 0.14 39.15
C ALA A 112 9.48 -0.38 38.18
N GLU A 113 9.06 -1.11 37.15
CA GLU A 113 9.99 -1.69 36.21
C GLU A 113 9.53 -1.54 34.76
N PHE A 114 10.45 -1.17 33.86
CA PHE A 114 10.19 -1.16 32.42
C PHE A 114 10.86 -2.40 31.80
N MET A 115 10.15 -3.08 30.91
CA MET A 115 10.75 -4.17 30.15
C MET A 115 10.47 -3.95 28.67
N PHE A 116 11.25 -4.60 27.81
CA PHE A 116 11.25 -4.28 26.39
C PHE A 116 11.26 -5.53 25.53
N TYR A 117 10.20 -5.72 24.74
CA TYR A 117 10.10 -6.89 23.86
C TYR A 117 9.52 -6.55 22.50
N GLY A 118 9.98 -7.25 21.48
CA GLY A 118 9.38 -7.20 20.16
C GLY A 118 8.32 -8.30 20.06
N ILE A 119 7.18 -8.01 19.46
CA ILE A 119 6.08 -8.97 19.44
C ILE A 119 6.37 -10.13 18.48
N LYS A 120 6.91 -9.82 17.31
CA LYS A 120 7.33 -10.87 16.39
C LYS A 120 8.43 -11.76 16.97
N ASN A 121 9.32 -11.15 17.75
CA ASN A 121 10.50 -11.85 18.28
C ASN A 121 10.19 -12.80 19.43
N ASN A 122 9.38 -12.34 20.38
CA ASN A 122 9.10 -13.13 21.57
C ASN A 122 7.63 -13.19 21.95
N PRO A 123 6.80 -13.81 21.10
CA PRO A 123 5.38 -13.91 21.46
C PRO A 123 5.17 -14.78 22.69
N THR A 124 6.01 -15.79 22.85
CA THR A 124 5.92 -16.70 23.99
C THR A 124 6.26 -15.99 25.29
N LYS A 125 7.34 -15.23 25.28
CA LYS A 125 7.74 -14.48 26.47
C LYS A 125 6.64 -13.48 26.82
N ILE A 126 6.12 -12.81 25.80
CA ILE A 126 5.07 -11.80 26.01
C ILE A 126 3.82 -12.41 26.66
N LYS A 127 3.38 -13.54 26.12
CA LYS A 127 2.22 -14.23 26.68
C LYS A 127 2.45 -14.68 28.11
N SER A 128 3.71 -14.94 28.46
CA SER A 128 4.04 -15.46 29.78
C SER A 128 4.21 -14.37 30.84
N LEU A 129 4.22 -13.11 30.42
CA LEU A 129 4.42 -12.00 31.36
C LEU A 129 3.25 -11.85 32.32
N GLU A 130 3.55 -11.55 33.58
CA GLU A 130 2.49 -11.36 34.56
C GLU A 130 2.54 -9.98 35.19
N GLY A 131 1.38 -9.50 35.63
CA GLY A 131 1.29 -8.30 36.42
C GLY A 131 1.52 -6.99 35.68
N ILE A 132 1.35 -7.00 34.36
CA ILE A 132 1.60 -5.78 33.58
C ILE A 132 0.50 -4.75 33.80
N ASP A 133 0.89 -3.55 34.19
CA ASP A 133 -0.04 -2.45 34.39
C ASP A 133 -0.23 -1.56 33.16
N ILE A 134 0.85 -1.34 32.43
CA ILE A 134 0.77 -0.48 31.25
C ILE A 134 1.57 -1.12 30.14
N CYS A 135 0.97 -1.22 28.95
CA CYS A 135 1.75 -1.59 27.79
C CYS A 135 1.83 -0.40 26.84
N TRP A 136 3.04 0.08 26.57
CA TRP A 136 3.23 1.11 25.56
C TRP A 136 3.74 0.45 24.28
N VAL A 137 2.91 0.52 23.23
CA VAL A 137 3.30 0.06 21.92
C VAL A 137 3.76 1.25 21.10
N GLU A 138 5.05 1.28 20.76
CA GLU A 138 5.63 2.38 19.99
C GLU A 138 5.81 2.00 18.51
N GLU A 139 5.82 2.99 17.63
CA GLU A 139 5.84 2.78 16.17
C GLU A 139 4.74 1.80 15.77
N ALA A 140 3.54 2.04 16.29
CA ALA A 140 2.47 1.06 16.16
C ALA A 140 1.91 0.92 14.75
N GLU A 141 2.27 1.82 13.84
CA GLU A 141 1.88 1.64 12.44
C GLU A 141 2.48 0.37 11.84
N ALA A 142 3.55 -0.13 12.47
CA ALA A 142 4.22 -1.34 12.01
C ALA A 142 3.58 -2.61 12.59
N VAL A 143 2.70 -2.45 13.57
CA VAL A 143 2.15 -3.61 14.28
C VAL A 143 0.99 -4.26 13.52
N THR A 144 1.14 -5.55 13.23
CA THR A 144 0.18 -6.28 12.40
C THR A 144 -1.01 -6.75 13.22
N LYS A 145 -2.09 -7.10 12.52
CA LYS A 145 -3.27 -7.65 13.17
C LYS A 145 -2.94 -8.88 14.03
N GLU A 146 -2.06 -9.72 13.53
CA GLU A 146 -1.65 -10.92 14.25
C GLU A 146 -0.98 -10.55 15.57
N SER A 147 -0.16 -9.51 15.55
CA SER A 147 0.55 -9.07 16.75
C SER A 147 -0.38 -8.44 17.79
N TRP A 148 -1.34 -7.65 17.33
CA TRP A 148 -2.33 -7.09 18.24
C TRP A 148 -3.13 -8.22 18.89
N ASP A 149 -3.51 -9.21 18.10
CA ASP A 149 -4.33 -10.30 18.62
C ASP A 149 -3.60 -11.14 19.67
N ILE A 150 -2.28 -11.13 19.60
CA ILE A 150 -1.45 -11.82 20.58
C ILE A 150 -1.27 -10.94 21.81
N LEU A 151 -0.99 -9.67 21.58
CA LEU A 151 -0.61 -8.74 22.66
C LEU A 151 -1.78 -8.34 23.57
N ILE A 152 -2.88 -7.91 22.96
CA ILE A 152 -3.99 -7.35 23.74
C ILE A 152 -4.55 -8.27 24.84
N PRO A 153 -4.78 -9.57 24.54
CA PRO A 153 -5.30 -10.47 25.58
C PRO A 153 -4.33 -10.68 26.74
N THR A 154 -3.05 -10.37 26.57
CA THR A 154 -2.09 -10.57 27.64
C THR A 154 -2.15 -9.43 28.67
N ILE A 155 -2.61 -8.27 28.25
CA ILE A 155 -2.71 -7.14 29.15
C ILE A 155 -4.05 -7.25 29.90
N ARG A 156 -4.11 -8.14 30.88
CA ARG A 156 -5.42 -8.56 31.40
C ARG A 156 -5.65 -8.21 32.87
N LYS A 157 -4.66 -7.58 33.50
CA LYS A 157 -4.82 -7.11 34.86
C LYS A 157 -5.96 -6.10 34.93
N PRO A 158 -6.78 -6.19 35.99
CA PRO A 158 -7.78 -5.14 36.18
C PRO A 158 -7.09 -3.78 36.19
N PHE A 159 -7.70 -2.86 35.45
CA PHE A 159 -7.29 -1.47 35.36
C PHE A 159 -5.99 -1.24 34.58
N SER A 160 -5.49 -2.28 33.93
CA SER A 160 -4.29 -2.11 33.11
C SER A 160 -4.64 -1.33 31.83
N GLU A 161 -3.63 -0.67 31.25
CA GLU A 161 -3.83 0.23 30.11
C GLU A 161 -2.89 -0.09 28.96
N ILE A 162 -3.35 0.19 27.75
CA ILE A 162 -2.56 0.05 26.55
C ILE A 162 -2.41 1.41 25.92
N TRP A 163 -1.16 1.88 25.86
CA TRP A 163 -0.86 3.19 25.29
C TRP A 163 -0.21 2.94 23.93
N VAL A 164 -0.60 3.72 22.94
CA VAL A 164 -0.20 3.46 21.56
C VAL A 164 0.25 4.75 20.89
N SER A 165 1.44 4.74 20.31
CA SER A 165 1.87 5.89 19.50
C SER A 165 2.21 5.47 18.09
N PHE A 166 1.69 6.21 17.11
CA PHE A 166 1.96 5.85 15.74
C PHE A 166 1.81 6.99 14.73
N ASN A 167 2.49 6.84 13.60
CA ASN A 167 2.36 7.71 12.46
C ASN A 167 1.58 6.96 11.40
N PRO A 168 0.38 7.43 11.05
CA PRO A 168 -0.47 6.70 10.11
C PRO A 168 0.23 6.39 8.78
N LYS A 169 -0.01 5.20 8.28
CA LYS A 169 0.45 4.84 6.95
C LYS A 169 -0.77 4.85 6.04
N ASN A 170 -1.39 3.68 5.88
CA ASN A 170 -2.64 3.59 5.15
C ASN A 170 -3.83 3.49 6.08
N ILE A 171 -4.93 4.12 5.70
CA ILE A 171 -6.14 4.09 6.50
C ILE A 171 -6.65 2.66 6.69
N LEU A 172 -6.33 1.77 5.75
CA LEU A 172 -6.81 0.40 5.79
C LEU A 172 -5.94 -0.53 6.62
N ASP A 173 -4.79 -0.03 7.08
CA ASP A 173 -3.90 -0.83 7.92
C ASP A 173 -4.59 -1.10 9.26
N ASP A 174 -4.33 -2.27 9.83
CA ASP A 174 -5.01 -2.69 11.05
C ASP A 174 -4.96 -1.69 12.20
N THR A 175 -3.80 -1.07 12.44
CA THR A 175 -3.67 -0.15 13.56
C THR A 175 -4.61 1.04 13.42
N TYR A 176 -4.73 1.56 12.21
CA TYR A 176 -5.64 2.68 11.96
C TYR A 176 -7.10 2.24 12.03
N GLN A 177 -7.42 1.08 11.45
CA GLN A 177 -8.76 0.53 11.55
C GLN A 177 -9.16 0.32 13.01
N ARG A 178 -8.24 -0.26 13.78
CA ARG A 178 -8.50 -0.69 15.14
C ARG A 178 -8.74 0.45 16.12
N PHE A 179 -8.09 1.60 15.90
CA PHE A 179 -8.14 2.67 16.89
C PHE A 179 -8.82 3.96 16.44
N VAL A 180 -9.01 4.11 15.13
CA VAL A 180 -9.57 5.36 14.60
C VAL A 180 -10.92 5.12 13.93
N VAL A 181 -10.95 4.16 13.01
CA VAL A 181 -12.17 3.90 12.25
C VAL A 181 -13.24 3.16 13.04
N ASN A 182 -12.84 2.03 13.65
CA ASN A 182 -13.74 1.21 14.47
C ASN A 182 -13.19 1.05 15.89
N PRO A 183 -13.18 2.15 16.65
CA PRO A 183 -12.46 2.17 17.93
C PRO A 183 -13.08 1.28 18.99
N PRO A 184 -12.28 0.87 19.97
CA PRO A 184 -12.76 0.11 21.14
C PRO A 184 -13.44 1.03 22.14
N ASP A 185 -14.11 0.45 23.13
CA ASP A 185 -14.67 1.25 24.21
C ASP A 185 -13.54 1.86 25.05
N ASP A 186 -13.81 3.03 25.64
CA ASP A 186 -12.88 3.69 26.56
C ASP A 186 -11.53 3.98 25.94
N ILE A 187 -11.55 4.71 24.84
CA ILE A 187 -10.30 5.14 24.23
C ILE A 187 -10.15 6.65 24.34
N CYS A 188 -8.93 7.08 24.66
CA CYS A 188 -8.58 8.49 24.58
C CYS A 188 -7.65 8.65 23.37
N LEU A 189 -8.18 9.23 22.30
CA LEU A 189 -7.42 9.43 21.07
C LEU A 189 -6.98 10.89 20.94
N LEU A 190 -5.66 11.10 20.88
CA LEU A 190 -5.10 12.40 20.56
C LEU A 190 -4.47 12.40 19.16
N THR A 191 -4.72 13.44 18.37
CA THR A 191 -4.01 13.65 17.14
C THR A 191 -3.07 14.83 17.31
N VAL A 192 -1.78 14.57 17.19
CA VAL A 192 -0.76 15.57 17.47
C VAL A 192 0.27 15.62 16.34
N ASN A 193 0.49 16.82 15.80
CA ASN A 193 1.52 17.02 14.78
C ASN A 193 2.54 18.06 15.19
N TYR A 194 3.48 18.37 14.28
CA TYR A 194 4.58 19.26 14.65
C TYR A 194 4.06 20.63 15.07
N THR A 195 2.89 20.98 14.55
CA THR A 195 2.22 22.24 14.86
C THR A 195 1.78 22.33 16.32
N ASP A 196 1.72 21.21 17.01
CA ASP A 196 1.33 21.20 18.42
C ASP A 196 2.53 20.98 19.34
N ASN A 197 3.72 21.07 18.76
CA ASN A 197 4.95 20.85 19.52
C ASN A 197 5.69 22.17 19.75
N PRO A 198 5.55 22.74 20.96
CA PRO A 198 6.16 24.02 21.29
C PRO A 198 7.68 23.97 21.34
N HIS A 199 8.25 22.78 21.28
CA HIS A 199 9.71 22.63 21.22
C HIS A 199 10.13 21.90 19.94
N PHE A 200 9.45 22.21 18.84
CA PHE A 200 9.74 21.62 17.54
C PHE A 200 11.14 22.02 17.11
N PRO A 201 12.04 21.03 16.98
CA PRO A 201 13.48 21.24 16.74
C PRO A 201 13.78 21.80 15.36
N GLU A 202 14.66 22.79 15.32
CA GLU A 202 15.06 23.44 14.08
C GLU A 202 15.54 22.42 13.04
N VAL A 203 16.19 21.37 13.51
CA VAL A 203 16.66 20.30 12.64
C VAL A 203 15.51 19.66 11.88
N LEU A 204 14.38 19.49 12.56
CA LEU A 204 13.20 18.91 11.94
C LEU A 204 12.39 19.94 11.15
N ARG A 205 12.44 21.20 11.58
CA ARG A 205 11.73 22.24 10.86
C ARG A 205 12.34 22.38 9.48
N LEU A 206 13.65 22.29 9.40
CA LEU A 206 14.35 22.31 8.13
C LEU A 206 13.90 21.19 7.19
N GLU A 207 13.77 19.96 7.70
CA GLU A 207 13.31 18.84 6.89
C GLU A 207 11.87 19.07 6.42
N MET A 208 11.04 19.53 7.35
CA MET A 208 9.61 19.70 7.07
C MET A 208 9.36 20.70 5.94
N GLU A 209 10.01 21.86 6.00
CA GLU A 209 9.79 22.89 4.98
C GLU A 209 10.29 22.47 3.61
N GLU A 210 11.45 21.80 3.60
CA GLU A 210 12.02 21.22 2.38
C GLU A 210 11.00 20.33 1.70
N CYS A 211 10.40 19.44 2.48
CA CYS A 211 9.41 18.48 1.96
C CYS A 211 8.12 19.16 1.54
N LYS A 212 7.67 20.12 2.34
CA LYS A 212 6.43 20.84 2.05
C LYS A 212 6.48 21.48 0.66
N ARG A 213 7.63 22.04 0.32
CA ARG A 213 7.82 22.70 -0.97
C ARG A 213 7.97 21.72 -2.12
N ARG A 214 8.76 20.66 -1.90
CA ARG A 214 9.12 19.71 -2.95
C ARG A 214 7.99 18.76 -3.34
N ASN A 215 7.29 18.22 -2.33
CA ASN A 215 6.23 17.25 -2.56
C ASN A 215 5.13 17.45 -1.53
N PRO A 216 4.16 18.33 -1.86
CA PRO A 216 3.11 18.73 -0.92
C PRO A 216 2.30 17.53 -0.42
N THR A 217 1.98 16.60 -1.32
CA THR A 217 1.23 15.41 -0.95
C THR A 217 1.99 14.56 0.06
N LEU A 218 3.29 14.40 -0.17
CA LEU A 218 4.11 13.59 0.72
C LEU A 218 4.23 14.29 2.07
N TYR A 219 4.34 15.61 2.03
CA TYR A 219 4.43 16.42 3.24
C TYR A 219 3.19 16.20 4.12
N ARG A 220 2.01 16.20 3.52
CA ARG A 220 0.79 16.00 4.30
C ARG A 220 0.78 14.63 4.97
N HIS A 221 1.31 13.63 4.28
CA HIS A 221 1.38 12.27 4.83
C HIS A 221 2.41 12.15 5.95
N ILE A 222 3.62 12.60 5.67
CA ILE A 222 4.72 12.46 6.62
C ILE A 222 4.63 13.45 7.79
N TRP A 223 4.35 14.71 7.49
CA TRP A 223 4.40 15.76 8.49
C TRP A 223 3.04 16.16 9.10
N LEU A 224 1.95 15.93 8.37
CA LEU A 224 0.62 16.23 8.93
C LEU A 224 -0.10 14.96 9.32
N GLY A 225 0.60 13.83 9.12
CA GLY A 225 0.12 12.53 9.54
C GLY A 225 -1.16 12.09 8.85
N GLU A 226 -1.41 12.61 7.66
CA GLU A 226 -2.59 12.20 6.90
CA GLU A 226 -2.59 12.20 6.90
C GLU A 226 -2.36 10.82 6.32
N PRO A 227 -3.24 9.87 6.65
CA PRO A 227 -3.05 8.51 6.13
C PRO A 227 -3.31 8.47 4.62
N VAL A 228 -2.68 7.52 3.94
CA VAL A 228 -3.01 7.28 2.54
C VAL A 228 -4.41 6.69 2.51
N SER A 229 -5.26 7.23 1.65
CA SER A 229 -6.61 6.70 1.53
C SER A 229 -7.08 6.84 0.10
N ALA A 230 -8.02 5.99 -0.29
CA ALA A 230 -8.52 6.04 -1.65
C ALA A 230 -9.28 7.34 -1.89
N SER A 231 -9.02 7.95 -3.03
CA SER A 231 -9.79 9.10 -3.50
C SER A 231 -11.23 8.69 -3.77
N ASP A 232 -12.15 9.63 -3.58
CA ASP A 232 -13.53 9.37 -3.98
C ASP A 232 -13.63 9.17 -5.49
N MET A 233 -12.58 9.53 -6.21
CA MET A 233 -12.56 9.37 -7.68
C MET A 233 -11.84 8.08 -8.11
N ALA A 234 -11.34 7.32 -7.14
CA ALA A 234 -10.66 6.06 -7.44
C ALA A 234 -11.60 5.04 -8.11
N ILE A 235 -11.07 4.24 -9.03
CA ILE A 235 -11.89 3.27 -9.75
C ILE A 235 -11.73 1.79 -9.33
N ILE A 236 -10.66 1.49 -8.60
CA ILE A 236 -10.39 0.13 -8.14
C ILE A 236 -10.12 0.14 -6.64
N LYS A 237 -10.93 -0.59 -5.88
CA LYS A 237 -10.80 -0.58 -4.42
C LYS A 237 -9.89 -1.70 -3.94
N ARG A 238 -9.12 -1.41 -2.89
CA ARG A 238 -8.23 -2.38 -2.27
C ARG A 238 -8.93 -3.69 -1.90
N GLU A 239 -10.13 -3.58 -1.35
N GLU A 239 -10.14 -3.58 -1.36
CA GLU A 239 -10.87 -4.77 -0.93
CA GLU A 239 -10.88 -4.78 -0.94
C GLU A 239 -11.13 -5.73 -2.10
C GLU A 239 -11.14 -5.72 -2.11
N TRP A 240 -11.34 -5.18 -3.30
CA TRP A 240 -11.56 -6.02 -4.49
C TRP A 240 -10.26 -6.76 -4.84
N LEU A 241 -9.15 -6.06 -4.74
CA LEU A 241 -7.85 -6.66 -5.02
C LEU A 241 -7.52 -7.78 -4.03
N GLU A 242 -7.86 -7.58 -2.75
CA GLU A 242 -7.64 -8.64 -1.76
C GLU A 242 -8.49 -9.86 -2.10
N ALA A 243 -9.75 -9.65 -2.45
CA ALA A 243 -10.63 -10.75 -2.80
C ALA A 243 -10.09 -11.47 -4.03
N ALA A 244 -9.61 -10.69 -5.00
CA ALA A 244 -9.13 -11.26 -6.27
C ALA A 244 -7.82 -12.02 -6.17
N THR A 245 -7.10 -11.82 -5.07
CA THR A 245 -5.88 -12.57 -4.82
C THR A 245 -6.21 -14.05 -4.64
N ASP A 246 -5.64 -14.89 -5.50
CA ASP A 246 -5.90 -16.33 -5.50
C ASP A 246 -7.40 -16.67 -5.58
N ALA A 247 -8.18 -15.84 -6.26
CA ALA A 247 -9.61 -16.06 -6.36
C ALA A 247 -9.91 -17.36 -7.11
N HIS A 248 -9.06 -17.71 -8.06
CA HIS A 248 -9.26 -18.97 -8.78
C HIS A 248 -9.10 -20.16 -7.84
N LYS A 249 -8.26 -20.02 -6.83
CA LYS A 249 -8.15 -21.07 -5.82
C LYS A 249 -9.35 -21.04 -4.88
N LYS A 250 -9.77 -19.83 -4.50
CA LYS A 250 -10.88 -19.68 -3.56
C LYS A 250 -12.19 -20.22 -4.14
N LEU A 251 -12.43 -19.96 -5.41
CA LEU A 251 -13.69 -20.34 -6.06
C LEU A 251 -13.53 -21.61 -6.87
N GLY A 252 -12.28 -22.04 -7.08
CA GLY A 252 -12.01 -23.33 -7.68
C GLY A 252 -12.19 -23.40 -9.19
N TRP A 253 -11.47 -22.56 -9.91
CA TRP A 253 -11.39 -22.72 -11.36
C TRP A 253 -9.96 -22.56 -11.83
N LYS A 254 -9.69 -22.96 -13.08
CA LYS A 254 -8.33 -22.93 -13.60
C LYS A 254 -8.22 -21.95 -14.77
N ALA A 255 -7.02 -21.44 -15.00
CA ALA A 255 -6.77 -20.52 -16.11
C ALA A 255 -7.04 -21.23 -17.44
N LYS A 256 -7.93 -20.63 -18.24
CA LYS A 256 -8.21 -21.12 -19.58
C LYS A 256 -8.26 -19.94 -20.52
N GLY A 257 -7.55 -20.04 -21.63
CA GLY A 257 -7.60 -18.96 -22.60
C GLY A 257 -6.23 -18.71 -23.18
N ALA A 258 -6.10 -17.60 -23.88
CA ALA A 258 -4.81 -17.22 -24.46
C ALA A 258 -3.94 -16.58 -23.40
N VAL A 259 -2.63 -16.55 -23.63
CA VAL A 259 -1.73 -15.81 -22.75
C VAL A 259 -1.55 -14.42 -23.35
N VAL A 260 -1.80 -13.38 -22.54
CA VAL A 260 -1.68 -12.02 -23.02
C VAL A 260 -0.65 -11.30 -22.17
N SER A 261 0.31 -10.64 -22.81
CA SER A 261 1.39 -9.92 -22.10
C SER A 261 1.44 -8.47 -22.57
N ALA A 262 1.82 -7.55 -21.68
CA ALA A 262 1.94 -6.17 -22.11
C ALA A 262 3.08 -5.45 -21.41
N HIS A 263 3.58 -4.41 -22.07
CA HIS A 263 4.80 -3.72 -21.63
C HIS A 263 4.59 -2.22 -21.63
N ASP A 264 4.94 -1.59 -20.52
CA ASP A 264 4.91 -0.14 -20.45
C ASP A 264 6.36 0.33 -20.39
N PRO A 265 6.83 0.97 -21.45
CA PRO A 265 8.22 1.41 -21.57
C PRO A 265 8.54 2.66 -20.74
N SER A 266 7.57 3.15 -19.98
CA SER A 266 7.80 4.32 -19.11
C SER A 266 8.22 5.52 -19.95
N ASP A 267 9.19 6.28 -19.46
CA ASP A 267 9.70 7.43 -20.21
C ASP A 267 11.23 7.52 -20.09
N THR A 268 11.76 8.73 -20.28
CA THR A 268 13.21 8.93 -20.18
C THR A 268 13.69 9.11 -18.74
N GLY A 269 12.74 9.20 -17.81
CA GLY A 269 13.06 9.39 -16.40
C GLY A 269 13.40 8.09 -15.69
N PRO A 270 13.48 8.16 -14.35
CA PRO A 270 13.92 7.03 -13.52
C PRO A 270 12.85 5.96 -13.34
N ASP A 271 11.58 6.29 -13.52
CA ASP A 271 10.47 5.37 -13.22
C ASP A 271 10.63 4.03 -13.92
N ALA A 272 10.38 2.96 -13.15
CA ALA A 272 10.63 1.61 -13.62
C ALA A 272 9.69 1.26 -14.75
N LYS A 273 10.19 0.48 -15.71
CA LYS A 273 9.31 -0.05 -16.76
C LYS A 273 8.42 -1.16 -16.20
N GLY A 274 7.32 -1.44 -16.89
CA GLY A 274 6.37 -2.43 -16.40
C GLY A 274 6.10 -3.52 -17.41
N TYR A 275 5.81 -4.71 -16.89
CA TYR A 275 5.39 -5.86 -17.68
C TYR A 275 4.32 -6.59 -16.88
N ALA A 276 3.28 -7.04 -17.57
CA ALA A 276 2.23 -7.87 -16.96
C ALA A 276 1.86 -8.98 -17.91
N SER A 277 1.54 -10.15 -17.37
CA SER A 277 1.07 -11.25 -18.21
C SER A 277 -0.02 -12.03 -17.50
N ARG A 278 -0.99 -12.52 -18.28
CA ARG A 278 -2.07 -13.33 -17.74
C ARG A 278 -2.33 -14.51 -18.65
N HIS A 279 -2.87 -15.58 -18.07
CA HIS A 279 -3.31 -16.74 -18.84
C HIS A 279 -4.82 -16.74 -18.66
N GLY A 280 -5.56 -16.31 -19.67
CA GLY A 280 -6.99 -16.13 -19.51
C GLY A 280 -7.27 -15.16 -18.37
N SER A 281 -8.12 -15.56 -17.41
CA SER A 281 -8.49 -14.68 -16.32
CA SER A 281 -8.46 -14.63 -16.34
C SER A 281 -7.54 -14.73 -15.13
N VAL A 282 -6.40 -15.40 -15.28
CA VAL A 282 -5.47 -15.49 -14.16
C VAL A 282 -4.14 -14.79 -14.43
N VAL A 283 -3.85 -13.74 -13.65
CA VAL A 283 -2.60 -12.97 -13.79
C VAL A 283 -1.45 -13.81 -13.24
N LYS A 284 -0.38 -13.95 -14.00
CA LYS A 284 0.73 -14.87 -13.66
CA LYS A 284 0.71 -14.84 -13.60
C LYS A 284 2.08 -14.16 -13.44
N ARG A 285 2.25 -12.98 -14.05
CA ARG A 285 3.50 -12.26 -13.86
C ARG A 285 3.30 -10.75 -13.84
N ILE A 286 3.98 -10.11 -12.88
CA ILE A 286 4.06 -8.65 -12.81
C ILE A 286 5.55 -8.35 -12.58
N ALA A 287 6.17 -7.63 -13.51
CA ALA A 287 7.60 -7.39 -13.40
C ALA A 287 7.99 -5.94 -13.65
N GLU A 288 9.08 -5.53 -13.00
CA GLU A 288 9.60 -4.17 -13.14
C GLU A 288 10.96 -4.18 -13.84
N GLY A 289 11.20 -3.16 -14.65
CA GLY A 289 12.41 -3.05 -15.42
C GLY A 289 13.16 -1.78 -15.03
N LEU A 290 14.27 -1.96 -14.32
CA LEU A 290 15.04 -0.84 -13.82
C LEU A 290 16.30 -0.57 -14.64
N LEU A 291 16.65 0.71 -14.74
CA LEU A 291 17.90 1.16 -15.36
C LEU A 291 18.05 0.58 -16.77
N MET A 292 17.00 0.73 -17.56
CA MET A 292 16.99 0.27 -18.94
C MET A 292 16.72 1.43 -19.89
N ASP A 293 17.40 1.46 -21.03
CA ASP A 293 16.98 2.35 -22.11
C ASP A 293 15.81 1.71 -22.88
N ILE A 294 15.31 2.39 -23.90
CA ILE A 294 14.11 1.91 -24.56
C ILE A 294 14.29 0.52 -25.21
N ASN A 295 15.48 0.29 -25.74
CA ASN A 295 15.76 -0.96 -26.44
C ASN A 295 16.00 -2.09 -25.47
N GLU A 296 16.76 -1.82 -24.42
CA GLU A 296 16.91 -2.79 -23.34
C GLU A 296 15.55 -3.18 -22.75
N GLY A 297 14.68 -2.19 -22.55
CA GLY A 297 13.33 -2.45 -22.06
C GLY A 297 12.52 -3.37 -22.97
N ALA A 298 12.58 -3.12 -24.27
CA ALA A 298 11.80 -3.92 -25.22
C ALA A 298 12.36 -5.34 -25.30
N ASP A 299 13.68 -5.45 -25.22
CA ASP A 299 14.32 -6.77 -25.21
C ASP A 299 13.87 -7.56 -23.97
N TRP A 300 13.89 -6.89 -22.82
CA TRP A 300 13.46 -7.49 -21.57
C TRP A 300 12.00 -7.97 -21.62
N ALA A 301 11.12 -7.09 -22.10
CA ALA A 301 9.69 -7.38 -22.10
C ALA A 301 9.31 -8.47 -23.10
N THR A 302 9.88 -8.40 -24.30
CA THR A 302 9.58 -9.41 -25.32
C THR A 302 10.16 -10.76 -24.93
N SER A 303 11.30 -10.74 -24.27
CA SER A 303 11.87 -11.98 -23.75
C SER A 303 11.00 -12.61 -22.69
N LEU A 304 10.42 -11.77 -21.83
CA LEU A 304 9.48 -12.28 -20.84
C LEU A 304 8.25 -12.84 -21.52
N ALA A 305 7.75 -12.16 -22.56
CA ALA A 305 6.56 -12.65 -23.27
C ALA A 305 6.81 -14.02 -23.89
N ILE A 306 7.99 -14.19 -24.50
CA ILE A 306 8.36 -15.50 -25.03
C ILE A 306 8.41 -16.53 -23.91
N GLU A 307 9.00 -16.16 -22.78
CA GLU A 307 9.13 -17.08 -21.66
C GLU A 307 7.76 -17.47 -21.11
N ASP A 308 6.84 -16.52 -21.13
CA ASP A 308 5.47 -16.76 -20.65
C ASP A 308 4.55 -17.47 -21.66
N GLY A 309 5.07 -17.78 -22.83
CA GLY A 309 4.26 -18.42 -23.86
C GLY A 309 3.16 -17.52 -24.38
N ALA A 310 3.44 -16.22 -24.49
CA ALA A 310 2.42 -15.26 -24.92
C ALA A 310 1.87 -15.56 -26.31
N ASP A 311 0.56 -15.45 -26.46
CA ASP A 311 -0.07 -15.50 -27.76
C ASP A 311 -0.23 -14.09 -28.31
N HIS A 312 -0.30 -13.13 -27.38
CA HIS A 312 -0.57 -11.74 -27.70
C HIS A 312 0.31 -10.83 -26.87
N TYR A 313 0.90 -9.82 -27.50
CA TYR A 313 1.74 -8.87 -26.79
C TYR A 313 1.35 -7.47 -27.20
N LEU A 314 1.24 -6.59 -26.21
CA LEU A 314 0.93 -5.19 -26.46
C LEU A 314 2.00 -4.35 -25.80
N TRP A 315 2.24 -3.14 -26.32
CA TRP A 315 3.09 -2.20 -25.59
C TRP A 315 2.55 -0.79 -25.79
N ASP A 316 2.82 0.09 -24.84
CA ASP A 316 2.38 1.47 -24.92
C ASP A 316 3.22 2.21 -25.97
N GLY A 317 2.57 2.70 -27.02
CA GLY A 317 3.28 3.47 -28.04
C GLY A 317 2.96 4.96 -28.06
N ASP A 318 2.31 5.46 -27.00
CA ASP A 318 1.90 6.87 -26.97
C ASP A 318 3.06 7.82 -26.73
N GLY A 319 4.18 7.30 -26.23
CA GLY A 319 5.33 8.14 -25.95
C GLY A 319 6.63 7.58 -26.51
N VAL A 320 7.57 7.27 -25.63
CA VAL A 320 8.89 6.81 -26.05
C VAL A 320 8.86 5.46 -26.77
N GLY A 321 7.73 4.75 -26.66
CA GLY A 321 7.60 3.43 -27.27
C GLY A 321 7.08 3.46 -28.68
N ALA A 322 6.85 4.66 -29.20
CA ALA A 322 6.22 4.82 -30.52
C ALA A 322 7.02 4.20 -31.66
N GLY A 323 8.32 4.00 -31.46
CA GLY A 323 9.15 3.45 -32.52
C GLY A 323 9.54 2.00 -32.35
N LEU A 324 8.90 1.30 -31.42
CA LEU A 324 9.34 -0.05 -31.06
C LEU A 324 8.77 -1.18 -31.92
N ARG A 325 7.97 -0.89 -32.94
CA ARG A 325 7.33 -1.97 -33.69
CA ARG A 325 7.33 -1.96 -33.71
C ARG A 325 8.36 -2.90 -34.35
N ARG A 326 9.36 -2.32 -35.01
CA ARG A 326 10.36 -3.15 -35.67
C ARG A 326 11.09 -4.10 -34.71
N GLN A 327 11.59 -3.58 -33.60
CA GLN A 327 12.36 -4.40 -32.66
C GLN A 327 11.45 -5.49 -32.09
N THR A 328 10.21 -5.10 -31.86
CA THR A 328 9.23 -6.02 -31.26
C THR A 328 8.90 -7.16 -32.20
N THR A 329 8.54 -6.84 -33.44
CA THR A 329 8.18 -7.89 -34.38
C THR A 329 9.39 -8.76 -34.68
N GLU A 330 10.57 -8.16 -34.69
CA GLU A 330 11.79 -8.93 -34.90
C GLU A 330 12.04 -9.93 -33.78
N ALA A 331 11.77 -9.52 -32.54
CA ALA A 331 11.95 -10.39 -31.39
C ALA A 331 11.07 -11.63 -31.47
N PHE A 332 9.91 -11.48 -32.10
CA PHE A 332 8.94 -12.57 -32.18
C PHE A 332 9.04 -13.37 -33.47
N SER A 333 10.00 -13.04 -34.33
CA SER A 333 10.21 -13.75 -35.59
C SER A 333 10.24 -15.26 -35.44
N GLY A 334 9.42 -15.92 -36.25
CA GLY A 334 9.34 -17.38 -36.20
C GLY A 334 8.35 -17.90 -35.20
N LYS A 335 7.77 -17.02 -34.38
CA LYS A 335 6.77 -17.42 -33.39
C LYS A 335 5.46 -16.76 -33.71
N LYS A 336 4.35 -17.45 -33.46
CA LYS A 336 3.04 -16.85 -33.74
C LYS A 336 2.56 -16.07 -32.53
N ILE A 337 3.07 -14.86 -32.39
CA ILE A 337 2.71 -13.98 -31.29
C ILE A 337 2.26 -12.67 -31.90
N THR A 338 1.04 -12.24 -31.59
CA THR A 338 0.55 -10.99 -32.14
C THR A 338 1.21 -9.83 -31.42
N ALA A 339 1.42 -8.71 -32.12
CA ALA A 339 2.06 -7.54 -31.52
C ALA A 339 1.25 -6.30 -31.81
N THR A 340 0.76 -5.64 -30.77
CA THR A 340 -0.14 -4.52 -30.94
C THR A 340 0.36 -3.28 -30.21
N MET A 341 0.51 -2.18 -30.93
CA MET A 341 0.87 -0.92 -30.28
C MET A 341 -0.40 -0.32 -29.68
N PHE A 342 -0.37 -0.12 -28.37
CA PHE A 342 -1.51 0.41 -27.62
C PHE A 342 -1.35 1.91 -27.45
N LYS A 343 -2.34 2.68 -27.87
CA LYS A 343 -2.32 4.10 -27.67
C LYS A 343 -3.52 4.48 -26.84
N GLY A 344 -3.29 4.71 -25.55
CA GLY A 344 -4.36 4.98 -24.61
C GLY A 344 -5.16 6.23 -24.91
N SER A 345 -4.59 7.14 -25.68
CA SER A 345 -5.24 8.41 -26.01
CA SER A 345 -5.27 8.40 -25.98
C SER A 345 -6.24 8.30 -27.16
N GLU A 346 -6.21 7.18 -27.88
CA GLU A 346 -7.09 6.98 -29.02
C GLU A 346 -8.53 6.79 -28.58
N SER A 347 -9.44 7.03 -29.51
CA SER A 347 -10.85 6.70 -29.30
C SER A 347 -10.95 5.23 -28.98
N PRO A 348 -11.99 4.85 -28.23
CA PRO A 348 -12.10 3.46 -27.79
C PRO A 348 -12.20 2.47 -28.93
N PHE A 349 -11.73 1.27 -28.65
CA PHE A 349 -11.85 0.15 -29.57
C PHE A 349 -13.34 -0.16 -29.79
N ASP A 350 -13.71 -0.38 -31.06
CA ASP A 350 -15.07 -0.73 -31.43
C ASP A 350 -16.05 0.36 -30.97
N GLU A 351 -15.70 1.62 -31.22
CA GLU A 351 -16.44 2.73 -30.60
C GLU A 351 -17.88 2.89 -31.06
N ASP A 352 -18.23 2.36 -32.23
CA ASP A 352 -19.59 2.52 -32.72
C ASP A 352 -20.50 1.37 -32.33
N ALA A 353 -19.93 0.37 -31.66
CA ALA A 353 -20.70 -0.78 -31.20
C ALA A 353 -21.53 -0.39 -29.99
N PRO A 354 -22.68 -1.06 -29.79
CA PRO A 354 -23.49 -0.81 -28.60
C PRO A 354 -22.67 -1.04 -27.34
N TYR A 355 -22.88 -0.20 -26.33
CA TYR A 355 -22.21 -0.40 -25.06
C TYR A 355 -22.92 -1.52 -24.32
N GLN A 356 -22.18 -2.53 -23.89
CA GLN A 356 -22.78 -3.65 -23.19
C GLN A 356 -22.41 -3.67 -21.72
N ALA A 357 -23.43 -3.90 -20.88
CA ALA A 357 -23.28 -4.00 -19.43
C ALA A 357 -22.79 -2.70 -18.82
N VAL A 370 -28.88 2.29 -27.78
CA VAL A 370 -28.47 3.38 -28.65
C VAL A 370 -27.17 4.03 -28.15
N ARG A 371 -26.85 3.79 -26.87
CA ARG A 371 -25.58 4.24 -26.31
C ARG A 371 -24.43 3.36 -26.81
N THR A 372 -23.41 3.99 -27.40
CA THR A 372 -22.26 3.25 -27.93
C THR A 372 -21.07 3.29 -26.99
N ILE A 373 -20.10 2.43 -27.27
CA ILE A 373 -18.84 2.39 -26.53
C ILE A 373 -18.17 3.77 -26.52
N GLY A 374 -18.21 4.44 -27.67
CA GLY A 374 -17.65 5.77 -27.81
C GLY A 374 -18.39 6.85 -27.02
N ASP A 375 -19.67 6.62 -26.73
CA ASP A 375 -20.43 7.56 -25.89
C ASP A 375 -20.01 7.43 -24.41
N VAL A 376 -19.52 6.26 -24.04
CA VAL A 376 -19.24 5.97 -22.63
C VAL A 376 -17.81 6.31 -22.24
N PHE A 377 -16.85 5.86 -23.03
CA PHE A 377 -15.43 6.06 -22.70
C PHE A 377 -14.82 7.14 -23.58
N ARG A 378 -14.03 8.03 -22.99
CA ARG A 378 -13.30 9.00 -23.82
C ARG A 378 -12.29 8.31 -24.70
N ASN A 379 -11.58 7.34 -24.15
CA ASN A 379 -10.44 6.78 -24.87
C ASN A 379 -10.10 5.36 -24.42
N LYS A 380 -9.11 4.77 -25.06
CA LYS A 380 -8.74 3.40 -24.75
C LYS A 380 -8.23 3.23 -23.33
N ARG A 381 -7.52 4.23 -22.79
CA ARG A 381 -7.03 4.11 -21.41
C ARG A 381 -8.20 3.93 -20.44
N ALA A 382 -9.26 4.73 -20.61
CA ALA A 382 -10.45 4.61 -19.77
C ALA A 382 -11.16 3.28 -20.04
N GLN A 383 -11.31 2.94 -21.32
CA GLN A 383 -12.04 1.72 -21.72
C GLN A 383 -11.45 0.48 -21.03
N PHE A 384 -10.13 0.36 -21.10
CA PHE A 384 -9.52 -0.85 -20.58
C PHE A 384 -9.23 -0.87 -19.09
N TYR A 385 -9.09 0.31 -18.50
CA TYR A 385 -9.08 0.37 -17.03
C TYR A 385 -10.42 -0.01 -16.46
N TYR A 386 -11.50 0.40 -17.12
CA TYR A 386 -12.82 -0.02 -16.64
C TYR A 386 -13.07 -1.51 -16.91
N ALA A 387 -12.49 -2.06 -17.98
CA ALA A 387 -12.58 -3.51 -18.20
C ALA A 387 -11.95 -4.24 -17.02
N LEU A 388 -10.80 -3.76 -16.59
CA LEU A 388 -10.11 -4.30 -15.43
C LEU A 388 -10.93 -4.14 -14.15
N ALA A 389 -11.40 -2.92 -13.90
CA ALA A 389 -12.19 -2.66 -12.71
C ALA A 389 -13.44 -3.54 -12.67
N ASP A 390 -14.09 -3.71 -13.83
CA ASP A 390 -15.27 -4.55 -13.92
C ASP A 390 -14.99 -6.01 -13.55
N ARG A 391 -13.89 -6.56 -14.11
CA ARG A 391 -13.49 -7.92 -13.80
C ARG A 391 -13.27 -8.06 -12.30
N LEU A 392 -12.59 -7.07 -11.74
CA LEU A 392 -12.20 -7.12 -10.34
C LEU A 392 -13.43 -7.05 -9.42
N TYR A 393 -14.36 -6.16 -9.74
CA TYR A 393 -15.57 -6.01 -8.92
C TYR A 393 -16.41 -7.26 -8.95
N LEU A 394 -16.53 -7.87 -10.13
CA LEU A 394 -17.31 -9.08 -10.28
C LEU A 394 -16.67 -10.19 -9.44
N THR A 395 -15.35 -10.24 -9.43
CA THR A 395 -14.64 -11.25 -8.68
C THR A 395 -14.86 -11.05 -7.19
N TYR A 396 -14.82 -9.80 -6.75
CA TYR A 396 -15.10 -9.44 -5.38
C TYR A 396 -16.51 -9.86 -4.95
N ARG A 397 -17.51 -9.56 -5.78
CA ARG A 397 -18.88 -9.97 -5.48
C ARG A 397 -19.00 -11.49 -5.37
N ALA A 398 -18.22 -12.21 -6.17
CA ALA A 398 -18.24 -13.68 -6.13
C ALA A 398 -17.61 -14.24 -4.87
N VAL A 399 -16.42 -13.77 -4.57
CA VAL A 399 -15.67 -14.23 -3.41
C VAL A 399 -16.31 -13.84 -2.09
N VAL A 400 -16.72 -12.58 -1.99
CA VAL A 400 -17.21 -12.02 -0.73
C VAL A 400 -18.71 -12.20 -0.52
N HIS A 401 -19.47 -12.04 -1.60
CA HIS A 401 -20.94 -12.11 -1.48
C HIS A 401 -21.55 -13.35 -2.10
N GLY A 402 -20.71 -14.24 -2.62
CA GLY A 402 -21.17 -15.50 -3.17
C GLY A 402 -22.07 -15.38 -4.38
N GLU A 403 -21.91 -14.30 -5.13
CA GLU A 403 -22.71 -14.09 -6.34
C GLU A 403 -22.02 -14.75 -7.53
N TYR A 404 -22.75 -15.61 -8.23
CA TYR A 404 -22.14 -16.35 -9.32
C TYR A 404 -21.67 -15.44 -10.46
N ALA A 405 -20.54 -15.82 -11.05
CA ALA A 405 -20.02 -15.15 -12.23
C ALA A 405 -19.23 -16.16 -13.02
N ASP A 406 -19.22 -15.97 -14.34
CA ASP A 406 -18.38 -16.77 -15.21
C ASP A 406 -16.92 -16.40 -14.92
N PRO A 407 -16.06 -17.40 -14.65
CA PRO A 407 -14.63 -17.15 -14.40
C PRO A 407 -13.98 -16.38 -15.56
N ASP A 408 -14.52 -16.53 -16.76
CA ASP A 408 -13.98 -15.80 -17.90
C ASP A 408 -14.12 -14.28 -17.78
N ASP A 409 -15.04 -13.83 -16.94
CA ASP A 409 -15.34 -12.41 -16.79
C ASP A 409 -14.73 -11.89 -15.50
N MET A 410 -14.08 -12.79 -14.77
CA MET A 410 -13.42 -12.43 -13.51
C MET A 410 -11.92 -12.15 -13.73
N LEU A 411 -11.20 -11.88 -12.64
CA LEU A 411 -9.74 -11.83 -12.70
C LEU A 411 -9.14 -12.27 -11.38
N SER A 412 -8.17 -13.19 -11.44
CA SER A 412 -7.50 -13.66 -10.24
C SER A 412 -6.02 -13.32 -10.33
N PHE A 413 -5.43 -12.94 -9.20
CA PHE A 413 -3.98 -12.82 -9.12
C PHE A 413 -3.37 -14.09 -8.54
N ASP A 414 -2.54 -14.76 -9.32
CA ASP A 414 -1.84 -15.94 -8.83
C ASP A 414 -0.68 -15.48 -7.94
N LYS A 415 -0.91 -15.49 -6.62
CA LYS A 415 0.06 -14.88 -5.70
C LYS A 415 1.39 -15.59 -5.69
N GLU A 416 1.36 -16.92 -5.66
CA GLU A 416 2.57 -17.71 -5.66
C GLU A 416 3.38 -17.48 -6.95
N ALA A 417 2.70 -17.39 -8.08
CA ALA A 417 3.39 -17.15 -9.35
C ALA A 417 3.98 -15.74 -9.45
N ILE A 418 3.20 -14.74 -9.05
CA ILE A 418 3.60 -13.34 -9.19
C ILE A 418 4.64 -12.95 -8.15
N GLY A 419 4.46 -13.44 -6.94
CA GLY A 419 5.32 -13.06 -5.85
C GLY A 419 4.67 -11.95 -5.04
N GLU A 420 4.72 -12.09 -3.72
CA GLU A 420 4.07 -11.15 -2.83
C GLU A 420 4.57 -9.73 -3.02
N LYS A 421 5.89 -9.58 -3.19
CA LYS A 421 6.49 -8.25 -3.32
C LYS A 421 5.96 -7.48 -4.53
N MET A 422 5.99 -8.08 -5.72
CA MET A 422 5.49 -7.41 -6.91
C MET A 422 3.99 -7.21 -6.86
N LEU A 423 3.29 -8.15 -6.23
CA LEU A 423 1.84 -8.04 -6.16
C LEU A 423 1.43 -6.80 -5.36
N GLU A 424 2.08 -6.61 -4.22
CA GLU A 424 1.82 -5.40 -3.42
C GLU A 424 2.17 -4.12 -4.16
N LYS A 425 3.27 -4.11 -4.91
CA LYS A 425 3.63 -2.95 -5.71
C LYS A 425 2.51 -2.61 -6.70
N LEU A 426 1.97 -3.65 -7.33
CA LEU A 426 0.89 -3.47 -8.29
C LEU A 426 -0.33 -2.90 -7.61
N PHE A 427 -0.72 -3.50 -6.48
CA PHE A 427 -1.93 -3.07 -5.78
C PHE A 427 -1.84 -1.61 -5.36
N ALA A 428 -0.66 -1.21 -4.87
CA ALA A 428 -0.43 0.16 -4.42
C ALA A 428 -0.59 1.17 -5.54
N GLU A 429 -0.28 0.74 -6.77
CA GLU A 429 -0.51 1.57 -7.95
C GLU A 429 -1.99 1.57 -8.39
N LEU A 430 -2.60 0.39 -8.45
CA LEU A 430 -3.98 0.28 -8.94
C LEU A 430 -4.97 1.11 -8.13
N THR A 431 -4.75 1.21 -6.83
CA THR A 431 -5.65 1.94 -5.94
C THR A 431 -5.55 3.46 -6.09
N GLN A 432 -4.59 3.93 -6.86
CA GLN A 432 -4.46 5.37 -7.07
C GLN A 432 -5.01 5.85 -8.42
N ILE A 433 -5.36 4.91 -9.30
CA ILE A 433 -5.93 5.24 -10.61
C ILE A 433 -7.28 5.94 -10.41
N GLN A 434 -7.48 7.11 -11.03
CA GLN A 434 -8.60 7.99 -10.68
C GLN A 434 -9.37 8.53 -11.86
N ARG A 435 -10.68 8.59 -11.73
CA ARG A 435 -11.53 9.23 -12.71
C ARG A 435 -11.32 10.75 -12.64
N LYS A 436 -11.43 11.44 -13.76
CA LYS A 436 -11.43 12.91 -13.73
C LYS A 436 -12.70 13.42 -14.37
N PHE A 437 -13.07 14.66 -14.05
CA PHE A 437 -14.31 15.25 -14.58
C PHE A 437 -14.15 15.39 -16.07
N ASN A 438 -15.24 15.13 -16.79
CA ASN A 438 -15.22 15.21 -18.25
C ASN A 438 -16.43 16.02 -18.69
N ASN A 439 -16.20 17.02 -19.53
CA ASN A 439 -17.27 17.92 -19.93
C ASN A 439 -18.26 17.37 -20.96
N ASN A 440 -18.10 16.11 -21.36
CA ASN A 440 -19.07 15.47 -22.22
C ASN A 440 -19.72 14.28 -21.55
N GLY A 441 -19.55 14.18 -20.23
CA GLY A 441 -20.14 13.09 -19.47
C GLY A 441 -19.55 11.72 -19.79
N LYS A 442 -18.36 11.68 -20.37
CA LYS A 442 -17.70 10.41 -20.69
C LYS A 442 -16.84 9.98 -19.51
N LEU A 443 -16.46 8.70 -19.47
CA LEU A 443 -15.50 8.21 -18.50
C LEU A 443 -14.10 8.54 -19.00
N GLU A 444 -13.32 9.20 -18.14
CA GLU A 444 -11.95 9.58 -18.45
C GLU A 444 -11.13 9.50 -17.18
N LEU A 445 -9.87 9.10 -17.30
CA LEU A 445 -8.99 8.96 -16.15
C LEU A 445 -7.86 10.00 -16.14
N MET A 446 -7.36 10.31 -14.96
CA MET A 446 -6.14 11.12 -14.85
C MET A 446 -5.01 10.44 -15.61
N THR A 447 -4.25 11.19 -16.38
CA THR A 447 -3.10 10.64 -17.10
C THR A 447 -1.99 10.36 -16.09
N LYS A 448 -1.04 9.52 -16.46
CA LYS A 448 0.10 9.27 -15.59
C LYS A 448 0.90 10.54 -15.30
N VAL A 449 1.07 11.39 -16.30
CA VAL A 449 1.73 12.68 -16.09
C VAL A 449 1.00 13.53 -15.05
N GLU A 450 -0.33 13.52 -15.10
CA GLU A 450 -1.12 14.29 -14.13
C GLU A 450 -0.98 13.70 -12.73
N MET A 451 -0.98 12.37 -12.64
CA MET A 451 -0.80 11.68 -11.37
C MET A 451 0.52 12.06 -10.70
N LYS A 452 1.60 12.02 -11.48
CA LYS A 452 2.91 12.39 -10.96
C LYS A 452 2.92 13.84 -10.50
N GLN A 453 2.32 14.72 -11.28
CA GLN A 453 2.32 16.14 -10.96
C GLN A 453 1.43 16.52 -9.77
N LYS A 454 0.29 15.85 -9.62
CA LYS A 454 -0.64 16.20 -8.55
C LYS A 454 -0.40 15.37 -7.28
N LEU A 455 -0.11 14.09 -7.46
CA LEU A 455 -0.03 13.17 -6.33
C LEU A 455 1.39 12.97 -5.83
N GLY A 456 2.37 13.42 -6.60
CA GLY A 456 3.77 13.30 -6.23
C GLY A 456 4.23 11.86 -6.12
N ILE A 457 3.78 11.03 -7.04
CA ILE A 457 4.14 9.63 -7.07
C ILE A 457 4.76 9.29 -8.41
N PRO A 458 5.56 8.22 -8.46
CA PRO A 458 6.08 7.79 -9.76
C PRO A 458 4.96 7.28 -10.67
N SER A 459 5.24 7.23 -11.97
CA SER A 459 4.27 6.73 -12.94
CA SER A 459 4.28 6.73 -12.95
C SER A 459 3.89 5.29 -12.60
N PRO A 460 2.57 5.00 -12.55
CA PRO A 460 2.07 3.65 -12.23
C PRO A 460 2.18 2.68 -13.41
N ASN A 461 3.39 2.26 -13.74
CA ASN A 461 3.59 1.48 -14.97
C ASN A 461 3.26 0.00 -14.84
N LEU A 462 3.17 -0.50 -13.61
CA LEU A 462 2.72 -1.86 -13.40
C LEU A 462 1.21 -1.92 -13.64
N ALA A 463 0.51 -0.92 -13.10
CA ALA A 463 -0.93 -0.81 -13.26
C ALA A 463 -1.28 -0.66 -14.75
N ASP A 464 -0.58 0.24 -15.44
CA ASP A 464 -0.86 0.43 -16.86
C ASP A 464 -0.55 -0.81 -17.69
N ALA A 465 0.49 -1.55 -17.30
CA ALA A 465 0.83 -2.77 -18.03
C ALA A 465 -0.29 -3.80 -17.88
N LEU A 466 -0.82 -3.93 -16.67
CA LEU A 466 -1.93 -4.85 -16.46
C LEU A 466 -3.17 -4.38 -17.21
N MET A 467 -3.41 -3.07 -17.23
CA MET A 467 -4.55 -2.55 -17.96
C MET A 467 -4.47 -2.92 -19.44
N MET A 468 -3.28 -2.78 -20.03
CA MET A 468 -3.17 -3.04 -21.46
C MET A 468 -3.44 -4.50 -21.81
N CYS A 469 -3.10 -5.41 -20.92
N CYS A 469 -3.10 -5.40 -20.89
CA CYS A 469 -3.36 -6.81 -21.23
CA CYS A 469 -3.38 -6.83 -21.03
C CYS A 469 -4.84 -7.19 -21.06
C CYS A 469 -4.86 -7.14 -21.18
N MET A 470 -5.69 -6.20 -20.75
CA MET A 470 -7.15 -6.41 -20.83
C MET A 470 -7.67 -6.46 -22.27
N HIS A 471 -6.86 -5.97 -23.21
CA HIS A 471 -7.28 -5.79 -24.60
C HIS A 471 -6.71 -6.86 -25.54
N CYS A 472 -7.58 -7.46 -26.35
CA CYS A 472 -7.18 -8.53 -27.28
CA CYS A 472 -7.20 -8.52 -27.29
C CYS A 472 -7.68 -8.24 -28.71
N PRO A 473 -7.02 -7.30 -29.41
CA PRO A 473 -7.56 -6.90 -30.72
C PRO A 473 -7.17 -7.79 -31.89
N ALA A 474 -6.15 -8.63 -31.71
CA ALA A 474 -5.65 -9.42 -32.83
C ALA A 474 -6.25 -10.84 -32.79
N LEU A 475 -6.91 -11.21 -33.88
CA LEU A 475 -7.55 -12.52 -33.97
C LEU A 475 -6.60 -13.55 -34.54
N VAL A 476 -6.51 -14.69 -33.88
CA VAL A 476 -5.62 -15.74 -34.38
C VAL A 476 -6.17 -17.14 -34.04
N ARG A 477 -5.73 -18.11 -34.83
CA ARG A 477 -5.94 -19.53 -34.53
C ARG A 477 -4.64 -20.20 -34.90
N GLU A 478 -4.35 -21.33 -34.27
CA GLU A 478 -3.17 -22.12 -34.60
C GLU A 478 -3.09 -22.38 -36.11
N GLU A 479 -4.25 -22.67 -36.70
CA GLU A 479 -4.33 -23.04 -38.12
C GLU A 479 -4.48 -21.87 -39.08
N THR A 480 -4.56 -20.64 -38.58
CA THR A 480 -4.82 -19.52 -39.49
C THR A 480 -3.80 -18.40 -39.38
N GLU A 481 -3.99 -17.40 -40.24
CA GLU A 481 -3.24 -16.17 -40.18
C GLU A 481 -3.58 -15.42 -38.90
N ILE A 482 -2.75 -14.45 -38.55
CA ILE A 482 -3.16 -13.41 -37.60
C ILE A 482 -3.97 -12.38 -38.37
N TYR A 483 -5.19 -12.10 -37.91
CA TYR A 483 -6.05 -11.12 -38.58
C TYR A 483 -6.42 -9.96 -37.66
N VAL A 484 -6.09 -8.75 -38.09
CA VAL A 484 -6.40 -7.54 -37.32
C VAL A 484 -7.46 -6.71 -38.07
N PRO A 485 -8.74 -6.88 -37.69
CA PRO A 485 -9.90 -6.20 -38.30
C PRO A 485 -9.84 -4.71 -38.02
#